data_2QBU
#
_entry.id   2QBU
#
_cell.length_a   135.911
_cell.length_b   135.911
_cell.length_c   50.369
_cell.angle_alpha   90.00
_cell.angle_beta   90.00
_cell.angle_gamma   120.00
#
_symmetry.space_group_name_H-M   'P 62'
#
loop_
_entity.id
_entity.type
_entity.pdbx_description
1 polymer 'Precorrin-2 methyltransferase'
2 non-polymer S-ADENOSYL-L-HOMOCYSTEINE
3 water water
#
_entity_poly.entity_id   1
_entity_poly.type   'polypeptide(L)'
_entity_poly.pdbx_seq_one_letter_code
;MHGKLIGVGVGPGDSELLTLRAVNVLRSVPVICAPRSSSERESIALSIVEDILTERRDGCRILDPVFPMTDDRDELESHW
DSAARMVAAELEDGRDVAFITLGDPSIYSTFSYLQQRIEDMGFKTEMVPGVTSFTACAATAGRTLVEGDEILLVVPRVDD
RFERVLRDVDACVIMKTSRHGRRAMEVVESDPRGKDVVSVANCSMDDEVVERGFASGGGYLATTLVRFREQS
;
_entity_poly.pdbx_strand_id   A,B
#
# COMPACT_ATOMS: atom_id res chain seq x y z
N MET A 1 3.14 25.33 -19.52
CA MET A 1 3.56 24.98 -20.91
C MET A 1 4.57 23.84 -20.98
N HIS A 2 5.67 23.92 -20.23
CA HIS A 2 6.51 22.73 -20.05
C HIS A 2 5.66 21.60 -19.48
N GLY A 3 5.93 20.37 -19.92
CA GLY A 3 5.25 19.18 -19.39
C GLY A 3 5.61 18.94 -17.92
N LYS A 4 4.91 18.02 -17.28
CA LYS A 4 5.24 17.64 -15.91
C LYS A 4 5.58 16.15 -15.84
N LEU A 5 6.40 15.80 -14.87
CA LEU A 5 6.74 14.41 -14.64
C LEU A 5 5.77 13.78 -13.61
N ILE A 6 5.17 12.65 -13.98
CA ILE A 6 4.22 11.96 -13.12
C ILE A 6 4.72 10.56 -12.83
N GLY A 7 5.02 10.30 -11.57
CA GLY A 7 5.36 8.96 -11.09
C GLY A 7 4.12 8.13 -10.83
N VAL A 8 3.95 7.10 -11.66
CA VAL A 8 2.72 6.29 -11.66
C VAL A 8 2.99 4.88 -11.14
N GLY A 9 2.46 4.61 -9.95
CA GLY A 9 2.37 3.23 -9.47
C GLY A 9 1.45 2.39 -10.32
N VAL A 10 1.94 1.23 -10.76
CA VAL A 10 1.16 0.31 -11.58
C VAL A 10 0.71 -0.97 -10.84
N GLY A 11 1.01 -1.08 -9.56
CA GLY A 11 0.67 -2.28 -8.81
C GLY A 11 1.63 -3.44 -9.03
N PRO A 12 1.39 -4.58 -8.37
CA PRO A 12 2.32 -5.72 -8.30
C PRO A 12 2.40 -6.64 -9.54
N GLY A 13 1.52 -6.48 -10.53
CA GLY A 13 1.51 -7.39 -11.70
C GLY A 13 0.20 -7.40 -12.49
N ASP A 14 -0.88 -7.74 -11.78
CA ASP A 14 -2.23 -7.79 -12.33
C ASP A 14 -2.68 -6.41 -12.79
N SER A 15 -3.05 -6.30 -14.07
CA SER A 15 -3.56 -5.05 -14.64
C SER A 15 -4.83 -4.54 -13.91
N GLU A 16 -5.54 -5.47 -13.27
CA GLU A 16 -6.75 -5.15 -12.50
C GLU A 16 -6.42 -4.51 -11.15
N LEU A 17 -5.15 -4.58 -10.77
CA LEU A 17 -4.68 -3.89 -9.57
C LEU A 17 -4.21 -2.45 -9.81
N LEU A 18 -4.30 -1.99 -11.05
CA LEU A 18 -4.21 -0.56 -11.36
C LEU A 18 -5.38 0.18 -10.72
N THR A 19 -5.11 1.42 -10.31
CA THR A 19 -6.16 2.36 -9.92
C THR A 19 -6.79 2.95 -11.19
N LEU A 20 -8.05 3.38 -11.09
CA LEU A 20 -8.68 4.12 -12.15
C LEU A 20 -7.85 5.35 -12.56
N ARG A 21 -7.25 6.02 -11.57
CA ARG A 21 -6.43 7.20 -11.82
C ARG A 21 -5.18 6.91 -12.65
N ALA A 22 -4.51 5.81 -12.35
CA ALA A 22 -3.33 5.40 -13.12
C ALA A 22 -3.71 5.11 -14.58
N VAL A 23 -4.80 4.37 -14.78
CA VAL A 23 -5.39 4.12 -16.10
C VAL A 23 -5.57 5.42 -16.87
N ASN A 24 -6.24 6.37 -16.23
CA ASN A 24 -6.53 7.68 -16.82
C ASN A 24 -5.26 8.39 -17.29
N VAL A 25 -4.26 8.44 -16.41
CA VAL A 25 -2.97 9.05 -16.76
C VAL A 25 -2.35 8.29 -17.95
N LEU A 26 -2.31 6.97 -17.86
CA LEU A 26 -1.66 6.12 -18.87
C LEU A 26 -2.33 6.16 -20.23
N ARG A 27 -3.63 6.43 -20.25
CA ARG A 27 -4.38 6.59 -21.49
C ARG A 27 -4.14 7.94 -22.15
N SER A 28 -3.73 8.96 -21.41
CA SER A 28 -3.66 10.31 -21.99
C SER A 28 -2.28 10.98 -22.10
N VAL A 29 -1.28 10.49 -21.35
CA VAL A 29 0.07 11.05 -21.46
C VAL A 29 0.68 10.78 -22.83
N PRO A 30 1.37 11.78 -23.40
CA PRO A 30 2.05 11.53 -24.68
C PRO A 30 3.35 10.70 -24.56
N VAL A 31 3.98 10.71 -23.38
CA VAL A 31 5.23 9.99 -23.17
C VAL A 31 5.21 9.13 -21.89
N ILE A 32 5.63 7.87 -22.04
CA ILE A 32 5.86 7.00 -20.92
C ILE A 32 7.35 6.68 -20.74
N CYS A 33 7.86 6.88 -19.53
CA CYS A 33 9.23 6.52 -19.19
C CYS A 33 9.27 5.17 -18.46
N ALA A 34 9.97 4.22 -19.06
CA ALA A 34 9.99 2.84 -18.56
C ALA A 34 11.39 2.24 -18.64
N PRO A 35 12.29 2.63 -17.73
CA PRO A 35 13.69 2.18 -17.78
C PRO A 35 13.79 0.67 -17.65
N ARG A 36 14.89 0.11 -18.16
CA ARG A 36 15.04 -1.36 -18.27
C ARG A 36 16.51 -1.74 -18.27
N SER A 37 16.78 -3.02 -18.06
CA SER A 37 18.11 -3.54 -18.39
C SER A 37 18.09 -4.03 -19.83
N SER A 38 19.29 -4.18 -20.42
CA SER A 38 19.47 -4.65 -21.79
C SER A 38 19.01 -6.10 -21.98
N SER A 39 18.93 -6.86 -20.88
CA SER A 39 18.50 -8.25 -20.97
C SER A 39 16.97 -8.36 -21.06
N GLU A 40 16.27 -7.22 -20.99
CA GLU A 40 14.81 -7.18 -21.11
C GLU A 40 14.38 -6.38 -22.33
N ARG A 41 13.39 -6.89 -23.06
CA ARG A 41 12.73 -6.11 -24.11
C ARG A 41 11.92 -4.96 -23.50
N GLU A 42 11.28 -5.24 -22.37
CA GLU A 42 10.48 -4.28 -21.61
C GLU A 42 10.63 -4.57 -20.12
N SER A 43 10.55 -3.52 -19.32
CA SER A 43 10.54 -3.67 -17.88
C SER A 43 9.28 -4.42 -17.47
N ILE A 44 9.24 -4.88 -16.22
CA ILE A 44 8.03 -5.49 -15.70
C ILE A 44 6.91 -4.45 -15.59
N ALA A 45 7.24 -3.20 -15.25
CA ALA A 45 6.21 -2.14 -15.18
C ALA A 45 5.52 -1.92 -16.54
N LEU A 46 6.31 -1.94 -17.62
CA LEU A 46 5.78 -1.69 -18.96
C LEU A 46 4.91 -2.86 -19.44
N SER A 47 5.29 -4.09 -19.11
CA SER A 47 4.46 -5.22 -19.49
C SER A 47 3.10 -5.28 -18.74
N ILE A 48 3.08 -4.76 -17.51
CA ILE A 48 1.83 -4.63 -16.75
C ILE A 48 0.81 -3.76 -17.48
N VAL A 49 1.36 -2.75 -18.16
CA VAL A 49 0.61 -1.61 -18.65
C VAL A 49 0.41 -1.65 -20.18
N GLU A 50 1.02 -2.65 -20.83
CA GLU A 50 1.05 -2.71 -22.30
C GLU A 50 -0.31 -2.74 -23.01
N ASP A 51 -1.26 -3.47 -22.45
CA ASP A 51 -2.60 -3.56 -23.01
C ASP A 51 -3.37 -2.25 -22.94
N ILE A 52 -3.16 -1.46 -21.88
CA ILE A 52 -3.68 -0.07 -21.87
C ILE A 52 -3.07 0.74 -23.01
N LEU A 53 -1.75 0.60 -23.19
CA LEU A 53 -1.02 1.37 -24.19
C LEU A 53 -1.37 0.97 -25.63
N THR A 54 -1.44 -0.33 -25.90
CA THR A 54 -1.81 -0.77 -27.25
C THR A 54 -3.24 -0.36 -27.63
N GLU A 55 -4.12 -0.38 -26.63
CA GLU A 55 -5.54 -0.07 -26.83
C GLU A 55 -5.86 1.43 -26.98
N ARG A 56 -4.89 2.30 -26.70
CA ARG A 56 -5.03 3.74 -26.96
C ARG A 56 -5.27 4.02 -28.45
N ARG A 57 -6.21 4.92 -28.74
CA ARG A 57 -6.40 5.41 -30.10
C ARG A 57 -5.26 6.38 -30.42
N ASP A 58 -5.03 7.30 -29.49
CA ASP A 58 -3.99 8.33 -29.55
C ASP A 58 -2.66 7.71 -29.12
N GLY A 59 -1.67 7.75 -30.02
CA GLY A 59 -0.38 7.08 -29.81
C GLY A 59 0.50 7.61 -28.68
N CYS A 60 1.37 6.74 -28.20
CA CYS A 60 2.24 7.01 -27.05
C CYS A 60 3.72 6.76 -27.38
N ARG A 61 4.57 7.71 -27.00
CA ARG A 61 6.02 7.56 -27.15
C ARG A 61 6.61 6.92 -25.90
N ILE A 62 7.45 5.89 -26.09
CA ILE A 62 8.11 5.25 -24.97
C ILE A 62 9.59 5.59 -24.87
N LEU A 63 9.98 6.15 -23.72
CA LEU A 63 11.40 6.26 -23.36
C LEU A 63 11.76 5.07 -22.50
N ASP A 64 12.66 4.21 -23.00
CA ASP A 64 13.12 3.05 -22.21
C ASP A 64 14.65 3.01 -22.07
N PRO A 65 15.23 3.98 -21.36
CA PRO A 65 16.68 3.99 -21.23
C PRO A 65 17.18 2.70 -20.57
N VAL A 66 18.32 2.20 -21.04
CA VAL A 66 18.95 1.02 -20.47
C VAL A 66 19.87 1.44 -19.34
N PHE A 67 19.69 0.80 -18.19
CA PHE A 67 20.60 0.96 -17.08
C PHE A 67 21.39 -0.35 -16.93
N PRO A 68 22.68 -0.23 -16.56
CA PRO A 68 23.53 -1.39 -16.29
C PRO A 68 22.92 -2.19 -15.18
N MET A 69 22.93 -3.52 -15.32
CA MET A 69 22.49 -4.36 -14.23
C MET A 69 23.56 -4.37 -13.15
N THR A 70 23.34 -3.48 -12.18
CA THR A 70 24.14 -3.37 -10.98
C THR A 70 23.30 -2.64 -9.93
N ASP A 71 23.29 -3.18 -8.71
CA ASP A 71 22.64 -2.52 -7.59
C ASP A 71 23.67 -1.64 -6.93
N ASP A 72 24.94 -1.90 -7.26
CA ASP A 72 26.07 -1.54 -6.41
C ASP A 72 26.68 -0.19 -6.68
N ARG A 73 27.34 -0.07 -7.84
CA ARG A 73 28.20 1.07 -8.08
C ARG A 73 27.35 2.29 -8.38
N ASP A 74 27.68 3.41 -7.73
CA ASP A 74 27.17 4.70 -8.17
C ASP A 74 27.67 4.96 -9.59
N GLU A 75 27.64 3.89 -10.38
CA GLU A 75 27.64 3.90 -11.83
C GLU A 75 26.21 4.29 -12.25
N LEU A 76 25.26 3.99 -11.36
CA LEU A 76 23.85 4.27 -11.59
C LEU A 76 23.54 5.76 -11.68
N GLU A 77 24.25 6.58 -10.91
CA GLU A 77 23.94 8.00 -10.84
C GLU A 77 24.22 8.76 -12.14
N SER A 78 25.32 8.44 -12.83
CA SER A 78 25.58 9.03 -14.14
C SER A 78 24.49 8.60 -15.14
N HIS A 79 24.01 7.37 -15.01
CA HIS A 79 22.91 6.90 -15.84
C HIS A 79 21.55 7.61 -15.55
N TRP A 80 21.31 7.97 -14.28
CA TRP A 80 20.14 8.79 -13.95
C TRP A 80 20.28 10.20 -14.48
N ASP A 81 21.48 10.77 -14.43
CA ASP A 81 21.73 12.10 -15.02
C ASP A 81 21.36 12.11 -16.49
N SER A 82 21.75 11.09 -17.24
CA SER A 82 21.41 11.07 -18.68
C SER A 82 19.92 10.76 -18.95
N ALA A 83 19.30 9.93 -18.12
CA ALA A 83 17.87 9.68 -18.28
C ALA A 83 17.02 10.93 -17.94
N ALA A 84 17.44 11.68 -16.93
CA ALA A 84 16.79 12.95 -16.61
C ALA A 84 16.86 13.94 -17.77
N ARG A 85 18.02 14.06 -18.41
CA ARG A 85 18.14 14.88 -19.63
C ARG A 85 17.16 14.44 -20.73
N MET A 86 17.09 13.13 -20.95
CA MET A 86 16.14 12.54 -21.88
C MET A 86 14.69 12.90 -21.53
N VAL A 87 14.33 12.76 -20.26
CA VAL A 87 12.99 13.11 -19.82
C VAL A 87 12.75 14.63 -19.96
N ALA A 88 13.71 15.46 -19.54
CA ALA A 88 13.60 16.93 -19.61
C ALA A 88 13.40 17.46 -21.03
N ALA A 89 14.01 16.77 -22.00
CA ALA A 89 13.86 17.12 -23.40
C ALA A 89 12.40 16.94 -23.87
N GLU A 90 11.70 15.96 -23.30
CA GLU A 90 10.26 15.79 -23.56
C GLU A 90 9.41 16.82 -22.85
N LEU A 91 9.75 17.09 -21.58
CA LEU A 91 9.05 18.11 -20.80
C LEU A 91 9.21 19.53 -21.39
N GLU A 92 10.44 19.88 -21.80
CA GLU A 92 10.73 21.16 -22.46
C GLU A 92 9.86 21.43 -23.67
N ASP A 93 9.51 20.36 -24.39
CA ASP A 93 8.63 20.44 -25.55
C ASP A 93 7.16 20.44 -25.17
N GLY A 94 6.85 20.57 -23.87
CA GLY A 94 5.46 20.61 -23.43
C GLY A 94 4.74 19.28 -23.37
N ARG A 95 5.49 18.18 -23.28
CA ARG A 95 4.95 16.83 -23.15
C ARG A 95 5.06 16.31 -21.73
N ASP A 96 3.92 15.96 -21.12
CA ASP A 96 3.90 15.18 -19.88
C ASP A 96 4.54 13.82 -20.07
N VAL A 97 5.31 13.39 -19.08
CA VAL A 97 5.93 12.05 -19.06
C VAL A 97 5.46 11.28 -17.82
N ALA A 98 4.87 10.11 -18.03
CA ALA A 98 4.58 9.20 -16.93
C ALA A 98 5.72 8.19 -16.72
N PHE A 99 6.40 8.30 -15.58
CA PHE A 99 7.37 7.32 -15.17
C PHE A 99 6.59 6.23 -14.42
N ILE A 100 6.46 5.06 -15.04
CA ILE A 100 5.73 3.96 -14.42
C ILE A 100 6.65 3.18 -13.51
N THR A 101 6.12 2.73 -12.40
CA THR A 101 6.89 2.04 -11.39
C THR A 101 6.05 0.92 -10.84
N LEU A 102 6.65 -0.25 -10.69
CA LEU A 102 6.00 -1.42 -10.14
C LEU A 102 5.49 -1.12 -8.72
N GLY A 103 4.27 -1.56 -8.40
CA GLY A 103 3.69 -1.33 -7.09
C GLY A 103 3.34 0.13 -6.89
N ASP A 104 3.89 0.71 -5.82
CA ASP A 104 3.70 2.12 -5.49
C ASP A 104 5.01 2.92 -5.65
N PRO A 105 4.92 4.18 -6.13
CA PRO A 105 6.17 4.93 -6.41
C PRO A 105 6.91 5.47 -5.18
N SER A 106 6.32 5.37 -3.99
CA SER A 106 6.98 5.87 -2.78
C SER A 106 7.75 4.80 -2.03
N ILE A 107 7.63 3.55 -2.48
CA ILE A 107 8.12 2.40 -1.72
C ILE A 107 9.22 1.67 -2.50
N TYR A 108 10.49 1.92 -2.12
CA TYR A 108 11.65 1.33 -2.78
C TYR A 108 11.52 1.38 -4.29
N SER A 109 11.11 2.55 -4.78
CA SER A 109 10.98 2.72 -6.20
C SER A 109 12.18 3.54 -6.72
N THR A 110 12.37 3.51 -8.01
CA THR A 110 13.47 4.24 -8.61
C THR A 110 13.05 5.70 -8.88
N PHE A 111 11.75 5.97 -8.78
CA PHE A 111 11.23 7.32 -9.04
C PHE A 111 11.97 8.49 -8.41
N SER A 112 12.41 8.34 -7.17
CA SER A 112 13.03 9.46 -6.45
C SER A 112 14.33 9.98 -7.08
N TYR A 113 15.08 9.09 -7.74
CA TYR A 113 16.32 9.48 -8.43
C TYR A 113 16.06 10.36 -9.65
N LEU A 114 15.03 10.01 -10.40
CA LEU A 114 14.59 10.84 -11.52
C LEU A 114 13.90 12.13 -11.00
N GLN A 115 12.99 11.98 -10.05
CA GLN A 115 12.26 13.10 -9.48
C GLN A 115 13.16 14.24 -8.99
N GLN A 116 14.15 13.93 -8.13
CA GLN A 116 15.06 14.95 -7.61
C GLN A 116 15.78 15.71 -8.72
N ARG A 117 16.24 14.99 -9.74
CA ARG A 117 16.92 15.62 -10.88
C ARG A 117 15.99 16.51 -11.69
N ILE A 118 14.80 16.01 -11.98
CA ILE A 118 13.82 16.76 -12.78
C ILE A 118 13.36 18.04 -12.05
N GLU A 119 13.16 17.92 -10.74
CA GLU A 119 12.80 19.07 -9.91
C GLU A 119 13.96 20.07 -9.82
N ASP A 120 15.19 19.57 -9.77
CA ASP A 120 16.39 20.42 -9.78
C ASP A 120 16.55 21.18 -11.08
N MET A 121 16.07 20.58 -12.18
CA MET A 121 16.11 21.23 -13.49
C MET A 121 14.95 22.20 -13.71
N GLY A 122 14.10 22.36 -12.70
CA GLY A 122 13.02 23.33 -12.77
C GLY A 122 11.66 22.87 -13.29
N PHE A 123 11.44 21.56 -13.38
CA PHE A 123 10.13 21.05 -13.82
C PHE A 123 9.25 20.56 -12.65
N LYS A 124 7.94 20.56 -12.90
CA LYS A 124 6.95 20.10 -11.94
C LYS A 124 6.83 18.58 -11.95
N THR A 125 6.55 18.03 -10.79
CA THR A 125 6.50 16.62 -10.57
C THR A 125 5.23 16.25 -9.76
N GLU A 126 4.62 15.10 -10.08
CA GLU A 126 3.45 14.55 -9.37
C GLU A 126 3.57 13.03 -9.18
N MET A 127 2.77 12.50 -8.25
CA MET A 127 2.76 11.05 -7.96
C MET A 127 1.34 10.52 -7.94
N VAL A 128 1.18 9.33 -8.51
CA VAL A 128 -0.09 8.60 -8.47
C VAL A 128 0.22 7.33 -7.68
N PRO A 129 -0.40 7.18 -6.49
CA PRO A 129 -0.10 6.05 -5.62
C PRO A 129 -0.61 4.74 -6.22
N GLY A 130 -0.04 3.62 -5.78
CA GLY A 130 -0.46 2.34 -6.28
C GLY A 130 -0.58 1.34 -5.18
N VAL A 131 -1.12 0.17 -5.54
CA VAL A 131 -1.06 -0.99 -4.68
C VAL A 131 0.37 -1.45 -4.56
N THR A 132 0.89 -1.41 -3.34
CA THR A 132 2.25 -1.84 -3.07
C THR A 132 2.31 -3.36 -2.94
N SER A 133 3.46 -3.92 -3.29
CA SER A 133 3.58 -5.36 -3.34
C SER A 133 3.38 -6.07 -2.02
N PHE A 134 3.77 -5.48 -0.88
CA PHE A 134 3.65 -6.20 0.39
C PHE A 134 2.21 -6.44 0.87
N THR A 135 1.33 -5.47 0.61
CA THR A 135 -0.10 -5.65 0.97
C THR A 135 -0.81 -6.53 -0.06
N ALA A 136 -0.37 -6.47 -1.32
CA ALA A 136 -0.87 -7.41 -2.31
C ALA A 136 -0.46 -8.84 -1.94
N CYS A 137 0.77 -9.03 -1.45
CA CYS A 137 1.21 -10.34 -0.94
C CYS A 137 0.38 -10.85 0.23
N ALA A 138 0.11 -9.96 1.19
CA ALA A 138 -0.72 -10.32 2.33
C ALA A 138 -2.14 -10.75 1.87
N ALA A 139 -2.69 -9.99 0.93
CA ALA A 139 -4.03 -10.28 0.38
C ALA A 139 -4.13 -11.63 -0.33
N THR A 140 -3.14 -11.97 -1.16
CA THR A 140 -3.11 -13.28 -1.83
C THR A 140 -2.91 -14.40 -0.81
N ALA A 141 -2.13 -14.14 0.24
CA ALA A 141 -1.95 -15.09 1.32
C ALA A 141 -3.17 -15.18 2.23
N GLY A 142 -4.13 -14.28 2.06
CA GLY A 142 -5.33 -14.26 2.91
C GLY A 142 -5.02 -13.87 4.35
N ARG A 143 -3.94 -13.11 4.51
CA ARG A 143 -3.51 -12.66 5.83
C ARG A 143 -3.50 -11.15 5.87
N THR A 144 -3.87 -10.66 7.03
CA THR A 144 -3.86 -9.27 7.36
C THR A 144 -2.45 -8.99 7.96
N LEU A 145 -1.96 -7.76 7.90
CA LEU A 145 -0.59 -7.51 8.43
C LEU A 145 -0.54 -7.02 9.89
N VAL A 146 -1.31 -5.98 10.22
CA VAL A 146 -1.36 -5.38 11.55
C VAL A 146 -2.77 -4.95 11.87
N GLU A 147 -3.15 -5.09 13.14
CA GLU A 147 -4.39 -4.58 13.70
C GLU A 147 -4.04 -3.87 15.00
N GLY A 148 -4.97 -3.07 15.51
CA GLY A 148 -4.88 -2.53 16.86
C GLY A 148 -3.62 -1.72 17.06
N ASP A 149 -2.88 -2.05 18.11
CA ASP A 149 -1.67 -1.33 18.46
C ASP A 149 -0.39 -2.01 17.95
N GLU A 150 -0.54 -2.96 17.04
CA GLU A 150 0.61 -3.64 16.44
C GLU A 150 1.44 -2.71 15.56
N ILE A 151 2.73 -2.99 15.51
CA ILE A 151 3.70 -2.19 14.80
C ILE A 151 4.24 -3.00 13.64
N LEU A 152 4.29 -2.39 12.47
CA LEU A 152 4.82 -3.00 11.25
C LEU A 152 6.21 -2.50 10.88
N LEU A 153 7.11 -3.44 10.62
CA LEU A 153 8.43 -3.18 10.11
C LEU A 153 8.58 -3.68 8.67
N VAL A 154 9.08 -2.81 7.80
CA VAL A 154 9.33 -3.19 6.43
C VAL A 154 10.83 -3.09 6.25
N VAL A 155 11.47 -4.19 5.87
CA VAL A 155 12.93 -4.19 5.63
C VAL A 155 13.30 -4.69 4.23
N PRO A 156 14.25 -4.00 3.57
CA PRO A 156 14.74 -4.37 2.26
C PRO A 156 15.80 -5.48 2.28
N ARG A 157 16.44 -5.67 3.42
CA ARG A 157 17.44 -6.72 3.64
C ARG A 157 17.48 -6.97 5.13
N VAL A 158 18.03 -8.12 5.55
CA VAL A 158 18.14 -8.38 7.01
C VAL A 158 19.55 -8.12 7.58
N ASP A 159 19.72 -6.98 8.24
CA ASP A 159 20.99 -6.66 8.90
C ASP A 159 20.85 -6.60 10.44
N ASP A 160 21.89 -6.07 11.11
CA ASP A 160 21.93 -6.00 12.58
C ASP A 160 20.74 -5.26 13.20
N ARG A 161 20.27 -4.23 12.50
CA ARG A 161 19.09 -3.45 12.92
C ARG A 161 17.82 -4.30 13.09
N PHE A 162 17.55 -5.13 12.06
CA PHE A 162 16.43 -6.08 12.07
C PHE A 162 16.42 -6.90 13.35
N GLU A 163 17.59 -7.46 13.68
CA GLU A 163 17.74 -8.31 14.87
C GLU A 163 17.42 -7.55 16.14
N ARG A 164 18.01 -6.36 16.29
CA ARG A 164 17.82 -5.59 17.51
C ARG A 164 16.41 -5.03 17.67
N VAL A 165 15.73 -4.80 16.54
CA VAL A 165 14.39 -4.19 16.55
C VAL A 165 13.22 -5.20 16.63
N LEU A 166 13.50 -6.48 16.32
CA LEU A 166 12.43 -7.46 16.07
C LEU A 166 11.43 -7.64 17.20
N ARG A 167 11.93 -7.80 18.44
CA ARG A 167 11.07 -8.07 19.59
C ARG A 167 10.11 -6.90 19.90
N ASP A 168 10.40 -5.74 19.30
CA ASP A 168 9.62 -4.51 19.48
C ASP A 168 8.59 -4.23 18.35
N VAL A 169 8.49 -5.16 17.39
CA VAL A 169 7.49 -5.05 16.33
C VAL A 169 6.61 -6.31 16.32
N ASP A 170 5.43 -6.22 15.73
CA ASP A 170 4.51 -7.36 15.76
C ASP A 170 4.42 -8.08 14.41
N ALA A 171 4.86 -7.38 13.36
CA ALA A 171 4.83 -7.92 12.01
C ALA A 171 6.00 -7.36 11.24
N CYS A 172 6.51 -8.16 10.30
CA CYS A 172 7.52 -7.63 9.41
C CYS A 172 7.45 -8.14 7.96
N VAL A 173 7.75 -7.23 7.04
CA VAL A 173 7.85 -7.51 5.61
C VAL A 173 9.33 -7.57 5.25
N ILE A 174 9.75 -8.69 4.67
CA ILE A 174 11.12 -8.80 4.18
C ILE A 174 11.08 -8.81 2.65
N MET A 175 11.59 -7.73 2.04
CA MET A 175 11.63 -7.61 0.58
C MET A 175 12.84 -8.36 0.05
N LYS A 176 13.04 -8.38 -1.27
CA LYS A 176 14.12 -9.17 -1.90
C LYS A 176 14.38 -10.50 -1.16
N THR A 177 13.32 -11.26 -0.93
CA THR A 177 13.32 -12.30 0.10
C THR A 177 14.01 -13.61 -0.25
N SER A 178 14.31 -13.80 -1.53
CA SER A 178 14.94 -15.01 -2.04
C SER A 178 16.41 -15.10 -1.60
N ARG A 179 16.95 -13.97 -1.14
CA ARG A 179 18.36 -13.88 -0.81
C ARG A 179 18.60 -13.70 0.70
N HIS A 180 17.65 -13.06 1.39
CA HIS A 180 17.82 -12.65 2.81
C HIS A 180 17.18 -13.59 3.86
N GLY A 181 16.26 -14.45 3.39
CA GLY A 181 15.51 -15.37 4.25
C GLY A 181 16.31 -16.28 5.17
N ARG A 182 17.56 -16.56 4.82
CA ARG A 182 18.46 -17.42 5.62
C ARG A 182 18.76 -16.85 7.01
N ARG A 183 19.36 -15.67 7.04
CA ARG A 183 19.62 -14.95 8.27
C ARG A 183 18.30 -14.53 8.92
N ALA A 184 17.34 -14.13 8.08
CA ALA A 184 16.00 -13.79 8.54
C ALA A 184 15.36 -14.92 9.34
N MET A 185 15.44 -16.14 8.80
CA MET A 185 14.83 -17.31 9.43
C MET A 185 15.35 -17.50 10.85
N GLU A 186 16.67 -17.57 10.97
CA GLU A 186 17.33 -17.77 12.26
C GLU A 186 16.89 -16.75 13.31
N VAL A 187 16.91 -15.46 12.95
CA VAL A 187 16.44 -14.39 13.82
C VAL A 187 14.97 -14.63 14.22
N VAL A 188 14.11 -14.87 13.24
CA VAL A 188 12.69 -15.08 13.51
C VAL A 188 12.42 -16.31 14.40
N GLU A 189 13.09 -17.42 14.12
CA GLU A 189 12.92 -18.68 14.86
C GLU A 189 13.33 -18.54 16.33
N SER A 190 14.36 -17.74 16.57
CA SER A 190 14.86 -17.52 17.92
C SER A 190 13.99 -16.58 18.75
N ASP A 191 13.03 -15.91 18.11
CA ASP A 191 12.04 -15.12 18.86
C ASP A 191 11.10 -16.05 19.64
N PRO A 192 10.93 -15.79 20.94
CA PRO A 192 10.12 -16.68 21.80
C PRO A 192 8.61 -16.72 21.49
N ARG A 193 8.11 -15.72 20.77
CA ARG A 193 6.66 -15.62 20.50
C ARG A 193 6.18 -16.63 19.47
N GLY A 194 4.91 -17.01 19.56
CA GLY A 194 4.25 -17.71 18.48
C GLY A 194 4.28 -16.81 17.25
N LYS A 195 4.40 -17.43 16.08
CA LYS A 195 4.49 -16.68 14.83
C LYS A 195 3.99 -17.48 13.63
N ASP A 196 3.50 -16.77 12.62
CA ASP A 196 3.32 -17.41 11.33
C ASP A 196 4.04 -16.66 10.24
N VAL A 197 4.47 -17.43 9.25
CA VAL A 197 5.29 -16.93 8.16
C VAL A 197 4.70 -17.43 6.84
N VAL A 198 4.79 -16.57 5.82
CA VAL A 198 4.33 -16.89 4.49
C VAL A 198 5.25 -16.18 3.49
N SER A 199 5.57 -16.86 2.40
CA SER A 199 6.37 -16.28 1.32
C SER A 199 5.58 -16.28 0.04
N VAL A 200 5.61 -15.16 -0.68
CA VAL A 200 4.84 -15.03 -1.91
C VAL A 200 5.77 -14.60 -3.01
N ALA A 201 5.76 -15.33 -4.11
CA ALA A 201 6.59 -14.98 -5.26
C ALA A 201 5.64 -14.62 -6.38
N ASN A 202 5.97 -13.58 -7.14
CA ASN A 202 5.19 -13.16 -8.30
C ASN A 202 3.70 -12.89 -7.99
N CYS A 203 3.46 -12.35 -6.79
CA CYS A 203 2.14 -12.00 -6.35
C CYS A 203 1.29 -11.39 -7.48
N SER A 204 0.06 -11.87 -7.63
CA SER A 204 -0.91 -11.35 -8.61
C SER A 204 -0.61 -11.66 -10.09
N MET A 205 0.49 -12.36 -10.36
CA MET A 205 0.85 -12.75 -11.73
C MET A 205 0.39 -14.20 -11.99
N ASP A 206 0.45 -14.63 -13.26
CA ASP A 206 0.03 -15.98 -13.65
C ASP A 206 0.80 -17.05 -12.87
N ASP A 207 2.10 -16.81 -12.69
CA ASP A 207 2.97 -17.75 -12.00
C ASP A 207 3.21 -17.41 -10.52
N GLU A 208 2.24 -16.73 -9.89
CA GLU A 208 2.25 -16.54 -8.44
C GLU A 208 2.43 -17.86 -7.68
N VAL A 209 3.31 -17.85 -6.68
CA VAL A 209 3.46 -18.99 -5.77
C VAL A 209 3.35 -18.48 -4.34
N VAL A 210 2.51 -19.13 -3.55
CA VAL A 210 2.37 -18.88 -2.11
C VAL A 210 2.79 -20.11 -1.32
N GLU A 211 3.74 -19.98 -0.39
CA GLU A 211 3.91 -21.02 0.63
C GLU A 211 4.27 -20.61 2.05
N ARG A 212 3.70 -21.37 2.99
CA ARG A 212 3.87 -21.15 4.43
C ARG A 212 5.34 -21.30 4.79
N GLY A 213 5.76 -20.57 5.83
CA GLY A 213 7.17 -20.52 6.25
C GLY A 213 8.04 -19.73 5.31
N PHE A 214 9.35 -19.84 5.51
CA PHE A 214 10.34 -19.25 4.62
C PHE A 214 10.58 -20.14 3.42
N ALA A 215 9.83 -19.91 2.34
CA ALA A 215 10.10 -20.56 1.06
C ALA A 215 11.40 -20.00 0.50
N SER A 216 12.19 -20.85 -0.16
CA SER A 216 13.63 -20.61 -0.26
C SER A 216 14.16 -19.92 -1.53
N GLY A 217 13.47 -20.03 -2.65
CA GLY A 217 14.05 -19.47 -3.88
C GLY A 217 13.07 -18.99 -4.92
N GLY A 218 12.30 -17.95 -4.59
CA GLY A 218 11.19 -17.48 -5.44
C GLY A 218 11.53 -16.50 -6.55
N GLY A 219 12.82 -16.28 -6.79
CA GLY A 219 13.27 -15.32 -7.80
C GLY A 219 13.28 -13.89 -7.28
N TYR A 220 13.30 -12.93 -8.20
CA TYR A 220 13.43 -11.51 -7.85
C TYR A 220 12.21 -10.98 -7.08
N LEU A 221 11.02 -11.23 -7.61
CA LEU A 221 9.79 -10.74 -7.01
C LEU A 221 9.28 -11.71 -5.98
N ALA A 222 9.94 -11.70 -4.83
CA ALA A 222 9.54 -12.55 -3.73
C ALA A 222 9.57 -11.72 -2.45
N THR A 223 8.56 -11.94 -1.61
CA THR A 223 8.41 -11.25 -0.34
C THR A 223 8.04 -12.23 0.76
N THR A 224 8.62 -12.06 1.95
CA THR A 224 8.25 -12.86 3.13
C THR A 224 7.51 -12.01 4.16
N LEU A 225 6.42 -12.56 4.68
CA LEU A 225 5.62 -11.88 5.67
C LEU A 225 5.68 -12.63 6.99
N VAL A 226 5.99 -11.92 8.07
CA VAL A 226 6.05 -12.54 9.39
C VAL A 226 5.11 -11.81 10.30
N ARG A 227 4.24 -12.56 10.98
CA ARG A 227 3.41 -11.96 12.02
C ARG A 227 3.64 -12.69 13.33
N PHE A 228 3.85 -11.93 14.39
CA PHE A 228 4.07 -12.48 15.73
C PHE A 228 2.77 -12.54 16.52
N MET B 1 -20.52 -23.91 -3.38
CA MET B 1 -21.86 -23.26 -3.35
C MET B 1 -21.96 -22.18 -2.25
N HIS B 2 -21.19 -22.31 -1.17
CA HIS B 2 -21.15 -21.25 -0.13
C HIS B 2 -20.76 -19.90 -0.71
N GLY B 3 -21.33 -18.83 -0.15
CA GLY B 3 -20.77 -17.51 -0.32
C GLY B 3 -19.38 -17.43 0.31
N LYS B 4 -18.55 -16.57 -0.25
CA LYS B 4 -17.21 -16.27 0.29
C LYS B 4 -17.18 -14.87 0.88
N LEU B 5 -16.40 -14.68 1.94
CA LEU B 5 -16.17 -13.33 2.49
C LEU B 5 -14.96 -12.70 1.79
N ILE B 6 -15.17 -11.53 1.18
CA ILE B 6 -14.13 -10.81 0.48
C ILE B 6 -13.81 -9.47 1.15
N GLY B 7 -12.57 -9.32 1.60
CA GLY B 7 -12.12 -8.06 2.21
C GLY B 7 -11.61 -7.15 1.12
N VAL B 8 -12.32 -6.04 0.90
CA VAL B 8 -12.06 -5.22 -0.27
C VAL B 8 -11.53 -3.87 0.18
N GLY B 9 -10.27 -3.62 -0.16
CA GLY B 9 -9.67 -2.33 0.05
C GLY B 9 -10.27 -1.36 -0.93
N VAL B 10 -10.66 -0.22 -0.40
CA VAL B 10 -11.41 0.77 -1.11
C VAL B 10 -10.60 2.05 -1.38
N GLY B 11 -9.37 2.08 -0.89
CA GLY B 11 -8.48 3.22 -1.05
C GLY B 11 -8.78 4.35 -0.07
N PRO B 12 -7.98 5.45 -0.14
CA PRO B 12 -8.05 6.46 0.91
C PRO B 12 -9.25 7.42 0.90
N GLY B 13 -10.01 7.48 -0.20
CA GLY B 13 -11.11 8.46 -0.32
C GLY B 13 -11.59 8.70 -1.74
N ASP B 14 -10.67 9.12 -2.61
CA ASP B 14 -10.96 9.39 -4.01
C ASP B 14 -11.39 8.09 -4.69
N SER B 15 -12.57 8.13 -5.32
CA SER B 15 -13.10 6.93 -5.99
C SER B 15 -12.18 6.47 -7.12
N GLU B 16 -11.43 7.41 -7.69
CA GLU B 16 -10.42 7.08 -8.71
C GLU B 16 -9.20 6.29 -8.17
N LEU B 17 -9.07 6.19 -6.85
CA LEU B 17 -8.01 5.36 -6.26
C LEU B 17 -8.43 3.93 -5.89
N LEU B 18 -9.67 3.57 -6.24
CA LEU B 18 -10.07 2.17 -6.21
C LEU B 18 -9.33 1.43 -7.34
N THR B 19 -9.03 0.15 -7.09
CA THR B 19 -8.50 -0.70 -8.14
C THR B 19 -9.66 -1.14 -9.04
N LEU B 20 -9.34 -1.50 -10.28
CA LEU B 20 -10.29 -2.10 -11.22
C LEU B 20 -10.96 -3.33 -10.62
N ARG B 21 -10.15 -4.18 -9.99
CA ARG B 21 -10.66 -5.36 -9.30
C ARG B 21 -11.71 -5.03 -8.20
N ALA B 22 -11.37 -4.11 -7.30
CA ALA B 22 -12.32 -3.61 -6.30
C ALA B 22 -13.65 -3.14 -6.93
N VAL B 23 -13.55 -2.31 -7.96
CA VAL B 23 -14.72 -1.79 -8.66
C VAL B 23 -15.56 -2.96 -9.20
N ASN B 24 -14.88 -3.95 -9.76
CA ASN B 24 -15.54 -5.13 -10.30
C ASN B 24 -16.28 -5.96 -9.24
N VAL B 25 -15.62 -6.26 -8.13
CA VAL B 25 -16.25 -6.98 -7.02
C VAL B 25 -17.48 -6.23 -6.50
N LEU B 26 -17.33 -4.91 -6.33
CA LEU B 26 -18.38 -4.11 -5.73
C LEU B 26 -19.57 -3.88 -6.66
N ARG B 27 -19.34 -4.00 -7.96
CA ARG B 27 -20.43 -3.90 -8.93
C ARG B 27 -21.21 -5.20 -9.01
N SER B 28 -20.60 -6.28 -8.53
CA SER B 28 -21.18 -7.60 -8.71
C SER B 28 -21.70 -8.33 -7.46
N VAL B 29 -21.07 -8.15 -6.29
CA VAL B 29 -21.47 -8.91 -5.07
C VAL B 29 -22.89 -8.58 -4.68
N PRO B 30 -23.62 -9.59 -4.18
CA PRO B 30 -25.00 -9.34 -3.69
C PRO B 30 -25.09 -8.62 -2.35
N VAL B 31 -24.05 -8.72 -1.53
CA VAL B 31 -24.05 -8.19 -0.17
C VAL B 31 -22.76 -7.39 0.11
N ILE B 32 -22.92 -6.23 0.73
CA ILE B 32 -21.78 -5.47 1.24
C ILE B 32 -21.90 -5.34 2.76
N CYS B 33 -20.78 -5.56 3.45
CA CYS B 33 -20.63 -5.32 4.88
C CYS B 33 -19.73 -4.10 5.14
N ALA B 34 -20.36 -3.06 5.69
CA ALA B 34 -19.73 -1.83 6.05
C ALA B 34 -20.08 -1.47 7.49
N PRO B 35 -19.31 -1.99 8.47
CA PRO B 35 -19.57 -1.64 9.87
C PRO B 35 -19.48 -0.14 10.13
N ARG B 36 -20.15 0.31 11.18
CA ARG B 36 -20.19 1.73 11.54
C ARG B 36 -20.34 1.89 13.07
N SER B 37 -19.98 3.06 13.59
CA SER B 37 -20.27 3.38 14.98
C SER B 37 -21.75 3.76 15.09
N SER B 38 -22.23 3.88 16.33
CA SER B 38 -23.68 4.06 16.58
C SER B 38 -24.24 5.37 16.04
N SER B 39 -23.49 6.46 16.18
CA SER B 39 -23.97 7.77 15.73
C SER B 39 -23.59 8.11 14.29
N GLU B 40 -22.94 7.17 13.60
CA GLU B 40 -22.72 7.28 12.15
C GLU B 40 -23.93 6.79 11.39
N ARG B 41 -24.35 7.55 10.40
CA ARG B 41 -25.33 7.06 9.42
C ARG B 41 -24.69 6.02 8.48
N GLU B 42 -23.42 6.25 8.15
CA GLU B 42 -22.64 5.40 7.24
C GLU B 42 -21.17 5.55 7.51
N SER B 43 -20.42 4.46 7.42
CA SER B 43 -18.97 4.55 7.51
C SER B 43 -18.39 5.33 6.33
N ILE B 44 -17.16 5.78 6.47
CA ILE B 44 -16.43 6.44 5.40
C ILE B 44 -16.22 5.47 4.21
N ALA B 45 -15.91 4.21 4.47
CA ALA B 45 -15.78 3.23 3.38
C ALA B 45 -17.04 3.13 2.51
N LEU B 46 -18.23 3.11 3.13
CA LEU B 46 -19.47 3.08 2.34
C LEU B 46 -19.68 4.35 1.50
N SER B 47 -19.35 5.51 2.05
CA SER B 47 -19.52 6.75 1.28
C SER B 47 -18.55 6.85 0.10
N ILE B 48 -17.38 6.24 0.23
CA ILE B 48 -16.43 6.15 -0.89
C ILE B 48 -17.00 5.38 -2.08
N VAL B 49 -17.74 4.31 -1.82
CA VAL B 49 -18.30 3.45 -2.89
C VAL B 49 -19.76 3.76 -3.25
N GLU B 50 -20.28 4.85 -2.70
CA GLU B 50 -21.66 5.32 -2.90
C GLU B 50 -22.07 5.36 -4.37
N ASP B 51 -21.30 6.08 -5.20
CA ASP B 51 -21.64 6.24 -6.61
C ASP B 51 -21.72 4.92 -7.36
N ILE B 52 -20.70 4.06 -7.17
CA ILE B 52 -20.72 2.70 -7.71
C ILE B 52 -21.99 1.91 -7.34
N LEU B 53 -22.36 1.95 -6.05
CA LEU B 53 -23.50 1.19 -5.55
C LEU B 53 -24.81 1.70 -6.15
N THR B 54 -24.90 3.02 -6.29
CA THR B 54 -26.11 3.61 -6.84
C THR B 54 -26.17 3.56 -8.38
N GLU B 55 -25.01 3.38 -9.03
CA GLU B 55 -24.91 3.15 -10.48
C GLU B 55 -25.51 1.81 -10.87
N ARG B 56 -25.40 0.84 -9.96
CA ARG B 56 -25.88 -0.52 -10.16
C ARG B 56 -27.35 -0.59 -10.59
N ARG B 57 -27.63 -1.30 -11.69
CA ARG B 57 -29.01 -1.57 -12.08
C ARG B 57 -29.63 -2.60 -11.13
N ASP B 58 -28.80 -3.54 -10.66
CA ASP B 58 -29.17 -4.57 -9.70
C ASP B 58 -29.09 -4.02 -8.27
N GLY B 59 -29.83 -4.64 -7.35
CA GLY B 59 -29.77 -4.24 -5.95
C GLY B 59 -28.65 -4.87 -5.15
N CYS B 60 -28.13 -4.14 -4.19
CA CYS B 60 -27.12 -4.69 -3.27
C CYS B 60 -27.64 -4.60 -1.84
N ARG B 61 -27.49 -5.67 -1.08
CA ARG B 61 -27.86 -5.67 0.32
C ARG B 61 -26.72 -5.13 1.17
N ILE B 62 -27.02 -4.16 2.02
CA ILE B 62 -26.01 -3.59 2.87
C ILE B 62 -26.14 -4.03 4.34
N LEU B 63 -25.10 -4.69 4.83
CA LEU B 63 -24.98 -5.02 6.23
C LEU B 63 -24.15 -3.95 6.88
N ASP B 64 -24.72 -3.31 7.91
CA ASP B 64 -24.02 -2.26 8.64
C ASP B 64 -24.05 -2.49 10.15
N PRO B 65 -23.37 -3.56 10.63
CA PRO B 65 -23.35 -3.89 12.05
C PRO B 65 -22.77 -2.72 12.86
N VAL B 66 -23.36 -2.46 14.02
CA VAL B 66 -23.04 -1.25 14.76
C VAL B 66 -21.96 -1.52 15.80
N PHE B 67 -20.98 -0.64 15.86
CA PHE B 67 -19.90 -0.77 16.83
C PHE B 67 -19.78 0.51 17.67
N PRO B 68 -20.40 0.51 18.87
CA PRO B 68 -20.32 1.70 19.74
C PRO B 68 -18.89 2.08 20.09
N MET B 69 -18.58 3.37 20.06
CA MET B 69 -17.22 3.82 20.38
C MET B 69 -16.84 3.52 21.83
N THR B 70 -17.86 3.15 22.59
CA THR B 70 -17.79 3.05 24.01
C THR B 70 -17.59 1.59 24.51
N ASP B 71 -17.59 0.62 23.59
CA ASP B 71 -17.40 -0.79 23.91
C ASP B 71 -16.14 -1.01 24.73
N ASP B 72 -16.27 -1.77 25.81
CA ASP B 72 -15.10 -2.36 26.48
C ASP B 72 -14.72 -3.62 25.71
N ARG B 73 -13.59 -4.22 26.04
CA ARG B 73 -13.09 -5.36 25.28
C ARG B 73 -14.11 -6.50 25.10
N ASP B 74 -14.90 -6.76 26.13
CA ASP B 74 -15.89 -7.84 26.10
C ASP B 74 -17.11 -7.56 25.20
N GLU B 75 -17.59 -6.32 25.22
CA GLU B 75 -18.71 -5.90 24.37
C GLU B 75 -18.30 -5.80 22.91
N LEU B 76 -17.07 -5.38 22.68
CA LEU B 76 -16.51 -5.33 21.33
C LEU B 76 -16.44 -6.75 20.76
N GLU B 77 -15.91 -7.67 21.57
CA GLU B 77 -15.80 -9.06 21.16
C GLU B 77 -17.19 -9.62 20.82
N SER B 78 -18.17 -9.29 21.64
CA SER B 78 -19.53 -9.74 21.43
C SER B 78 -20.20 -9.10 20.21
N HIS B 79 -19.84 -7.85 19.92
CA HIS B 79 -20.31 -7.21 18.68
C HIS B 79 -19.64 -7.75 17.41
N TRP B 80 -18.43 -8.28 17.51
CA TRP B 80 -17.84 -8.98 16.37
C TRP B 80 -18.48 -10.35 16.15
N ASP B 81 -18.86 -11.02 17.24
CA ASP B 81 -19.63 -12.25 17.17
C ASP B 81 -20.91 -12.11 16.34
N SER B 82 -21.71 -11.09 16.63
CA SER B 82 -22.97 -10.95 15.94
C SER B 82 -22.80 -10.40 14.52
N ALA B 83 -21.74 -9.62 14.28
CA ALA B 83 -21.36 -9.22 12.92
C ALA B 83 -21.09 -10.46 12.06
N ALA B 84 -20.31 -11.39 12.60
CA ALA B 84 -19.99 -12.64 11.91
C ALA B 84 -21.24 -13.50 11.69
N ARG B 85 -22.17 -13.48 12.64
CA ARG B 85 -23.44 -14.21 12.48
C ARG B 85 -24.30 -13.65 11.33
N MET B 86 -24.37 -12.32 11.20
CA MET B 86 -25.13 -11.75 10.09
C MET B 86 -24.45 -11.95 8.73
N VAL B 87 -23.11 -11.91 8.71
CA VAL B 87 -22.35 -12.21 7.51
C VAL B 87 -22.47 -13.69 7.09
N ALA B 88 -22.35 -14.60 8.07
CA ALA B 88 -22.40 -16.06 7.82
C ALA B 88 -23.77 -16.54 7.32
N ALA B 89 -24.81 -15.80 7.68
CA ALA B 89 -26.18 -16.07 7.23
C ALA B 89 -26.27 -15.82 5.73
N GLU B 90 -25.59 -14.79 5.26
CA GLU B 90 -25.48 -14.51 3.83
C GLU B 90 -24.71 -15.64 3.12
N LEU B 91 -23.49 -15.93 3.58
CA LEU B 91 -22.67 -17.01 2.99
C LEU B 91 -23.38 -18.39 3.00
N GLU B 92 -24.15 -18.67 4.06
CA GLU B 92 -24.93 -19.91 4.16
C GLU B 92 -25.97 -20.03 3.06
N ASP B 93 -26.49 -18.90 2.61
CA ASP B 93 -27.45 -18.87 1.52
C ASP B 93 -26.82 -18.68 0.13
N GLY B 94 -25.50 -18.89 0.04
CA GLY B 94 -24.80 -18.87 -1.26
C GLY B 94 -24.37 -17.51 -1.78
N ARG B 95 -24.48 -16.46 -0.96
CA ARG B 95 -24.22 -15.09 -1.40
C ARG B 95 -22.89 -14.55 -0.84
N ASP B 96 -22.02 -14.12 -1.76
CA ASP B 96 -20.72 -13.51 -1.45
C ASP B 96 -20.95 -12.21 -0.70
N VAL B 97 -20.08 -11.92 0.27
CA VAL B 97 -20.13 -10.67 1.01
C VAL B 97 -18.80 -9.94 0.88
N ALA B 98 -18.86 -8.69 0.43
CA ALA B 98 -17.66 -7.87 0.39
C ALA B 98 -17.61 -6.97 1.63
N PHE B 99 -16.61 -7.22 2.45
CA PHE B 99 -16.35 -6.38 3.61
C PHE B 99 -15.46 -5.24 3.09
N ILE B 100 -16.01 -4.01 3.01
CA ILE B 100 -15.23 -2.87 2.55
C ILE B 100 -14.41 -2.20 3.64
N THR B 101 -13.18 -1.82 3.28
CA THR B 101 -12.20 -1.30 4.20
C THR B 101 -11.58 -0.10 3.54
N LEU B 102 -11.60 1.03 4.26
CA LEU B 102 -10.80 2.19 3.93
C LEU B 102 -9.35 1.76 3.60
N GLY B 103 -8.81 2.27 2.49
CA GLY B 103 -7.42 1.99 2.15
C GLY B 103 -7.24 0.54 1.72
N ASP B 104 -6.39 -0.16 2.46
CA ASP B 104 -6.04 -1.55 2.20
C ASP B 104 -6.53 -2.43 3.38
N PRO B 105 -7.04 -3.63 3.08
CA PRO B 105 -7.57 -4.53 4.13
C PRO B 105 -6.53 -5.20 5.06
N SER B 106 -5.24 -5.01 4.81
CA SER B 106 -4.23 -5.66 5.66
C SER B 106 -3.60 -4.70 6.68
N ILE B 107 -3.97 -3.42 6.59
CA ILE B 107 -3.34 -2.36 7.37
C ILE B 107 -4.38 -1.74 8.34
N TYR B 108 -4.36 -2.19 9.60
CA TYR B 108 -5.33 -1.73 10.62
C TYR B 108 -6.78 -1.65 10.16
N SER B 109 -7.25 -2.66 9.44
CA SER B 109 -8.58 -2.57 8.86
C SER B 109 -9.75 -3.13 9.69
N THR B 110 -9.46 -3.91 10.73
CA THR B 110 -10.46 -4.71 11.47
C THR B 110 -10.94 -5.96 10.73
N PHE B 111 -10.51 -6.11 9.47
CA PHE B 111 -10.89 -7.28 8.67
C PHE B 111 -10.60 -8.61 9.38
N SER B 112 -9.47 -8.73 10.07
CA SER B 112 -9.15 -10.04 10.69
C SER B 112 -10.10 -10.49 11.80
N TYR B 113 -10.75 -9.54 12.46
CA TYR B 113 -11.67 -9.86 13.54
C TYR B 113 -12.88 -10.60 12.98
N LEU B 114 -13.41 -10.10 11.86
CA LEU B 114 -14.46 -10.79 11.13
C LEU B 114 -13.90 -12.05 10.47
N GLN B 115 -12.76 -11.90 9.80
CA GLN B 115 -12.17 -13.00 9.06
C GLN B 115 -11.90 -14.25 9.92
N GLN B 116 -11.32 -14.07 11.11
CA GLN B 116 -11.00 -15.22 11.96
C GLN B 116 -12.29 -15.96 12.29
N ARG B 117 -13.34 -15.21 12.62
CA ARG B 117 -14.62 -15.81 13.03
C ARG B 117 -15.26 -16.56 11.90
N ILE B 118 -15.22 -15.97 10.70
CA ILE B 118 -15.85 -16.54 9.52
C ILE B 118 -15.12 -17.83 9.05
N GLU B 119 -13.80 -17.85 9.14
CA GLU B 119 -13.04 -19.04 8.78
C GLU B 119 -13.21 -20.14 9.82
N ASP B 120 -13.37 -19.77 11.09
CA ASP B 120 -13.64 -20.74 12.16
C ASP B 120 -15.00 -21.41 11.98
N MET B 121 -15.95 -20.69 11.41
CA MET B 121 -17.26 -21.24 11.04
C MET B 121 -17.22 -22.06 9.75
N GLY B 122 -16.02 -22.28 9.22
CA GLY B 122 -15.82 -23.14 8.03
C GLY B 122 -16.03 -22.48 6.68
N PHE B 123 -16.13 -21.15 6.65
CA PHE B 123 -16.26 -20.45 5.37
C PHE B 123 -14.92 -19.99 4.81
N LYS B 124 -14.91 -19.75 3.50
CA LYS B 124 -13.74 -19.31 2.79
C LYS B 124 -13.71 -17.79 2.62
N THR B 125 -12.49 -17.28 2.55
CA THR B 125 -12.19 -15.87 2.68
C THR B 125 -11.20 -15.44 1.58
N GLU B 126 -11.34 -14.21 1.08
CA GLU B 126 -10.43 -13.63 0.09
C GLU B 126 -10.20 -12.15 0.42
N MET B 127 -9.16 -11.56 -0.15
CA MET B 127 -8.84 -10.15 0.06
C MET B 127 -8.47 -9.51 -1.26
N VAL B 128 -8.97 -8.31 -1.47
CA VAL B 128 -8.57 -7.47 -2.58
C VAL B 128 -7.76 -6.31 -1.97
N PRO B 129 -6.47 -6.18 -2.35
CA PRO B 129 -5.65 -5.07 -1.80
C PRO B 129 -6.05 -3.68 -2.32
N GLY B 130 -5.69 -2.62 -1.60
CA GLY B 130 -5.90 -1.28 -2.08
C GLY B 130 -4.74 -0.34 -1.86
N VAL B 131 -4.89 0.88 -2.33
CA VAL B 131 -3.96 1.96 -2.03
C VAL B 131 -4.10 2.24 -0.54
N THR B 132 -3.03 2.02 0.21
CA THR B 132 -3.05 2.32 1.63
C THR B 132 -2.92 3.84 1.81
N SER B 133 -3.46 4.35 2.90
CA SER B 133 -3.45 5.79 3.13
C SER B 133 -2.04 6.35 3.15
N PHE B 134 -1.10 5.64 3.75
CA PHE B 134 0.26 6.20 3.91
C PHE B 134 1.06 6.41 2.60
N THR B 135 0.85 5.54 1.60
CA THR B 135 1.48 5.78 0.30
C THR B 135 0.75 6.87 -0.48
N ALA B 136 -0.57 6.93 -0.29
CA ALA B 136 -1.36 8.00 -0.86
C ALA B 136 -0.97 9.37 -0.27
N CYS B 137 -0.67 9.42 1.03
CA CYS B 137 -0.21 10.64 1.68
C CYS B 137 1.17 11.04 1.16
N ALA B 138 2.08 10.07 1.03
CA ALA B 138 3.39 10.33 0.41
C ALA B 138 3.24 10.93 -0.99
N ALA B 139 2.34 10.34 -1.80
CA ALA B 139 2.08 10.83 -3.15
C ALA B 139 1.62 12.28 -3.20
N THR B 140 0.61 12.61 -2.38
CA THR B 140 0.09 13.98 -2.38
C THR B 140 1.11 15.01 -1.88
N ALA B 141 1.97 14.61 -0.95
CA ALA B 141 3.09 15.42 -0.47
C ALA B 141 4.29 15.50 -1.43
N GLY B 142 4.24 14.71 -2.50
CA GLY B 142 5.32 14.68 -3.49
C GLY B 142 6.60 14.07 -2.96
N ARG B 143 6.46 13.11 -2.06
CA ARG B 143 7.58 12.56 -1.31
C ARG B 143 7.63 11.05 -1.41
N THR B 144 8.84 10.55 -1.43
CA THR B 144 9.10 9.15 -1.46
C THR B 144 9.21 8.78 0.03
N LEU B 145 8.91 7.52 0.39
CA LEU B 145 9.04 7.07 1.79
C LEU B 145 10.39 6.43 2.09
N VAL B 146 10.77 5.43 1.30
CA VAL B 146 11.98 4.62 1.51
C VAL B 146 12.59 4.26 0.17
N GLU B 147 13.92 4.19 0.13
CA GLU B 147 14.64 3.76 -1.05
C GLU B 147 15.79 2.88 -0.62
N GLY B 148 16.38 2.18 -1.58
CA GLY B 148 17.57 1.35 -1.34
C GLY B 148 17.46 0.50 -0.09
N ASP B 149 18.36 0.74 0.85
CA ASP B 149 18.48 -0.11 2.04
C ASP B 149 17.78 0.43 3.28
N GLU B 150 16.96 1.47 3.11
CA GLU B 150 16.24 2.10 4.23
C GLU B 150 15.15 1.23 4.85
N ILE B 151 15.01 1.32 6.17
CA ILE B 151 13.98 0.60 6.91
C ILE B 151 12.74 1.51 7.12
N LEU B 152 11.56 0.98 6.83
CA LEU B 152 10.30 1.67 7.12
C LEU B 152 9.60 1.12 8.36
N LEU B 153 9.15 2.02 9.22
CA LEU B 153 8.38 1.63 10.40
C LEU B 153 6.99 2.23 10.35
N VAL B 154 5.98 1.42 10.67
CA VAL B 154 4.61 1.89 10.67
C VAL B 154 4.05 1.65 12.06
N VAL B 155 3.57 2.73 12.69
CA VAL B 155 3.04 2.69 14.05
C VAL B 155 1.65 3.32 14.15
N PRO B 156 0.77 2.75 15.00
CA PRO B 156 -0.54 3.31 15.23
C PRO B 156 -0.58 4.22 16.46
N ARG B 157 0.55 4.42 17.09
CA ARG B 157 0.61 4.95 18.47
C ARG B 157 2.05 5.32 18.79
N VAL B 158 2.23 6.31 19.66
CA VAL B 158 3.55 6.55 20.21
C VAL B 158 3.73 5.78 21.52
N ASP B 159 4.61 4.78 21.50
CA ASP B 159 4.87 3.98 22.68
C ASP B 159 6.36 3.81 22.92
N ASP B 160 6.72 3.04 23.95
CA ASP B 160 8.11 2.84 24.31
C ASP B 160 8.88 2.07 23.26
N ARG B 161 8.21 1.09 22.66
CA ARG B 161 8.76 0.36 21.51
C ARG B 161 9.16 1.35 20.41
N PHE B 162 8.22 2.20 20.02
CA PHE B 162 8.49 3.25 19.02
C PHE B 162 9.78 4.02 19.36
N GLU B 163 9.87 4.53 20.59
CA GLU B 163 11.06 5.25 21.08
C GLU B 163 12.40 4.48 21.00
N ARG B 164 12.43 3.24 21.48
CA ARG B 164 13.69 2.47 21.45
C ARG B 164 14.09 1.99 20.04
N VAL B 165 13.11 1.85 19.15
CA VAL B 165 13.32 1.35 17.77
C VAL B 165 13.72 2.45 16.76
N LEU B 166 13.34 3.70 17.02
CA LEU B 166 13.41 4.78 16.04
C LEU B 166 14.76 5.03 15.38
N ARG B 167 15.86 4.82 16.12
CA ARG B 167 17.18 5.16 15.62
C ARG B 167 17.66 4.12 14.60
N ASP B 168 17.06 2.93 14.66
CA ASP B 168 17.36 1.82 13.76
C ASP B 168 16.50 1.82 12.48
N VAL B 169 15.67 2.86 12.31
CA VAL B 169 14.86 3.03 11.08
C VAL B 169 15.15 4.37 10.40
N ASP B 170 14.80 4.46 9.11
CA ASP B 170 15.13 5.61 8.28
C ASP B 170 13.90 6.43 7.95
N ALA B 171 12.74 5.77 8.04
CA ALA B 171 11.47 6.43 7.80
C ALA B 171 10.40 5.81 8.67
N CYS B 172 9.38 6.58 8.98
CA CYS B 172 8.30 6.08 9.78
C CYS B 172 6.99 6.76 9.46
N VAL B 173 5.92 5.99 9.61
CA VAL B 173 4.57 6.42 9.35
C VAL B 173 3.88 6.35 10.71
N ILE B 174 3.22 7.45 11.06
CA ILE B 174 2.49 7.51 12.31
C ILE B 174 1.01 7.67 12.00
N MET B 175 0.26 6.61 12.27
CA MET B 175 -1.19 6.60 12.11
C MET B 175 -1.92 7.29 13.26
N LYS B 176 -3.20 7.65 13.03
CA LYS B 176 -4.10 8.27 14.04
C LYS B 176 -3.52 9.57 14.62
N THR B 177 -2.84 10.32 13.76
CA THR B 177 -1.89 11.34 14.23
C THR B 177 -2.54 12.59 14.90
N SER B 178 -3.87 12.68 14.85
CA SER B 178 -4.63 13.68 15.61
C SER B 178 -4.62 13.40 17.12
N ARG B 179 -4.48 12.12 17.48
CA ARG B 179 -4.29 11.73 18.87
C ARG B 179 -2.81 11.72 19.28
N HIS B 180 -1.93 11.68 18.27
CA HIS B 180 -0.53 11.23 18.49
C HIS B 180 0.58 12.20 18.11
N GLY B 181 0.21 13.27 17.40
CA GLY B 181 1.16 14.29 16.93
C GLY B 181 2.10 14.87 17.96
N ARG B 182 1.56 15.24 19.12
CA ARG B 182 2.35 15.91 20.18
C ARG B 182 3.45 15.02 20.75
N ARG B 183 3.06 13.84 21.23
CA ARG B 183 4.01 12.82 21.68
C ARG B 183 5.00 12.46 20.56
N ALA B 184 4.48 12.31 19.33
CA ALA B 184 5.29 11.97 18.17
C ALA B 184 6.38 13.01 17.88
N MET B 185 5.98 14.28 17.87
CA MET B 185 6.92 15.39 17.68
C MET B 185 8.09 15.29 18.65
N GLU B 186 7.77 15.09 19.92
CA GLU B 186 8.77 15.04 20.98
C GLU B 186 9.77 13.90 20.79
N VAL B 187 9.27 12.69 20.55
CA VAL B 187 10.14 11.55 20.28
C VAL B 187 11.04 11.76 19.05
N VAL B 188 10.43 12.06 17.90
CA VAL B 188 11.16 12.19 16.63
C VAL B 188 12.19 13.33 16.63
N GLU B 189 11.80 14.46 17.22
CA GLU B 189 12.67 15.63 17.26
C GLU B 189 13.87 15.48 18.21
N SER B 190 13.77 14.59 19.19
CA SER B 190 14.91 14.24 20.07
C SER B 190 15.99 13.43 19.35
N ASP B 191 15.63 12.86 18.20
CA ASP B 191 16.57 12.11 17.36
C ASP B 191 17.54 13.10 16.74
N PRO B 192 18.87 12.86 16.89
CA PRO B 192 19.91 13.79 16.44
C PRO B 192 19.95 14.02 14.93
N ARG B 193 19.49 13.05 14.14
CA ARG B 193 19.51 13.12 12.67
C ARG B 193 18.63 14.24 12.14
N GLY B 194 18.95 14.74 10.94
CA GLY B 194 18.03 15.61 10.24
C GLY B 194 16.79 14.81 9.84
N LYS B 195 15.62 15.43 9.95
CA LYS B 195 14.33 14.80 9.63
C LYS B 195 13.54 15.70 8.71
N ASP B 196 12.73 15.09 7.85
CA ASP B 196 11.72 15.81 7.06
C ASP B 196 10.38 15.24 7.51
N VAL B 197 9.53 16.09 8.05
CA VAL B 197 8.24 15.67 8.58
C VAL B 197 7.06 16.40 7.93
N VAL B 198 6.05 15.63 7.52
CA VAL B 198 4.82 16.16 6.97
C VAL B 198 3.60 15.36 7.45
N SER B 199 2.49 16.05 7.64
CA SER B 199 1.23 15.43 8.06
C SER B 199 0.17 15.70 7.01
N VAL B 200 -0.68 14.69 6.76
CA VAL B 200 -1.72 14.76 5.73
C VAL B 200 -3.07 14.26 6.27
N ALA B 201 -4.07 15.12 6.20
CA ALA B 201 -5.44 14.77 6.58
C ALA B 201 -6.32 14.68 5.36
N ASN B 202 -7.28 13.75 5.40
CA ASN B 202 -8.28 13.60 4.34
C ASN B 202 -7.67 13.46 2.96
N CYS B 203 -6.61 12.66 2.89
CA CYS B 203 -5.83 12.50 1.68
C CYS B 203 -6.71 11.99 0.54
N SER B 204 -6.62 12.68 -0.61
CA SER B 204 -7.35 12.34 -1.84
C SER B 204 -8.82 12.80 -1.83
N MET B 205 -9.24 13.41 -0.73
CA MET B 205 -10.61 13.91 -0.61
C MET B 205 -10.64 15.41 -0.90
N ASP B 206 -11.83 15.96 -1.09
CA ASP B 206 -12.00 17.40 -1.36
C ASP B 206 -11.36 18.30 -0.31
N ASP B 207 -11.41 17.89 0.95
CA ASP B 207 -10.88 18.70 2.06
C ASP B 207 -9.50 18.27 2.56
N GLU B 208 -8.71 17.62 1.69
CA GLU B 208 -7.32 17.25 2.00
C GLU B 208 -6.50 18.43 2.52
N VAL B 209 -5.70 18.19 3.56
CA VAL B 209 -4.82 19.20 4.12
C VAL B 209 -3.40 18.65 4.25
N VAL B 210 -2.45 19.29 3.59
CA VAL B 210 -1.04 18.94 3.75
C VAL B 210 -0.36 20.01 4.60
N GLU B 211 0.28 19.57 5.68
CA GLU B 211 0.92 20.49 6.60
C GLU B 211 2.30 19.99 7.00
N ARG B 212 3.28 20.89 7.10
CA ARG B 212 4.60 20.53 7.60
C ARG B 212 4.50 20.28 9.10
N GLY B 213 5.30 19.34 9.60
CA GLY B 213 5.29 18.97 11.00
C GLY B 213 4.28 17.89 11.37
N PHE B 214 3.88 17.88 12.64
CA PHE B 214 3.19 16.75 13.23
C PHE B 214 1.65 16.89 13.35
N ALA B 215 1.08 17.89 12.68
CA ALA B 215 -0.37 18.13 12.77
C ALA B 215 -1.02 18.48 11.44
N SER B 216 -2.28 18.10 11.28
CA SER B 216 -3.12 18.52 10.17
C SER B 216 -4.60 18.34 10.53
N GLY B 217 -5.28 19.46 10.76
CA GLY B 217 -6.74 19.51 10.93
C GLY B 217 -7.41 18.88 12.14
N GLY B 218 -6.81 17.84 12.72
CA GLY B 218 -7.37 17.21 13.92
C GLY B 218 -8.44 16.13 13.75
N GLY B 219 -8.83 15.84 12.51
CA GLY B 219 -9.81 14.78 12.22
C GLY B 219 -9.20 13.39 12.29
N TYR B 220 -10.07 12.37 12.30
CA TYR B 220 -9.61 10.99 12.44
C TYR B 220 -8.62 10.58 11.34
N LEU B 221 -8.85 11.05 10.12
CA LEU B 221 -8.05 10.60 8.97
C LEU B 221 -6.83 11.48 8.75
N ALA B 222 -5.85 11.34 9.63
CA ALA B 222 -4.60 12.06 9.51
C ALA B 222 -3.40 11.14 9.77
N THR B 223 -2.39 11.32 8.94
CA THR B 223 -1.21 10.47 8.99
C THR B 223 0.02 11.37 8.90
N THR B 224 1.05 11.02 9.65
CA THR B 224 2.30 11.76 9.63
C THR B 224 3.41 10.90 9.05
N LEU B 225 4.23 11.52 8.19
CA LEU B 225 5.34 10.85 7.52
C LEU B 225 6.67 11.47 7.93
N VAL B 226 7.58 10.62 8.40
CA VAL B 226 8.87 11.05 8.88
C VAL B 226 9.97 10.39 8.04
N ARG B 227 10.84 11.21 7.47
CA ARG B 227 12.02 10.67 6.82
C ARG B 227 13.28 11.27 7.46
N PHE B 228 14.26 10.43 7.75
CA PHE B 228 15.53 10.84 8.33
C PHE B 228 16.58 11.00 7.22
N SAH C . 7.77 -0.12 -5.61
CA SAH C . 7.60 -1.57 -5.41
CB SAH C . 8.82 -2.18 -4.71
CG SAH C . 10.03 -2.50 -5.59
SD SAH C . 11.38 -3.21 -4.61
C SAH C . 6.34 -1.80 -4.56
O SAH C . 5.72 -0.89 -4.09
OXT SAH C . 5.93 -2.93 -4.32
C5' SAH C . 11.33 -4.86 -5.38
C4' SAH C . 10.83 -5.84 -4.34
O4' SAH C . 9.43 -5.66 -4.23
C3' SAH C . 11.07 -7.32 -4.61
O3' SAH C . 12.33 -7.76 -4.14
C2' SAH C . 9.93 -7.94 -3.82
O2' SAH C . 10.26 -8.15 -2.45
C1' SAH C . 8.81 -6.90 -3.95
N9 SAH C . 7.84 -7.19 -5.03
C8 SAH C . 7.48 -6.38 -6.08
N7 SAH C . 6.53 -6.99 -6.84
C5 SAH C . 6.30 -8.18 -6.30
C6 SAH C . 5.43 -9.20 -6.66
N6 SAH C . 4.65 -9.07 -7.74
N1 SAH C . 5.39 -10.33 -5.87
C2 SAH C . 6.18 -10.48 -4.76
N3 SAH C . 7.03 -9.47 -4.40
C4 SAH C . 7.09 -8.33 -5.15
N SAH D . -6.76 0.36 6.23
CA SAH D . -6.47 1.83 6.29
CB SAH D . -6.06 2.24 7.71
CG SAH D . -7.22 2.23 8.72
SD SAH D . -6.69 2.82 10.35
C SAH D . -5.36 2.14 5.30
O SAH D . -4.87 1.22 4.63
OXT SAH D . -4.94 3.30 5.15
C5' SAH D . -7.22 4.54 10.15
C4' SAH D . -6.01 5.43 9.95
O4' SAH D . -5.58 5.42 8.58
C3' SAH D . -6.28 6.89 10.27
O3' SAH D . -6.14 7.17 11.64
C2' SAH D . -5.28 7.60 9.42
O2' SAH D . -4.02 7.44 10.04
C1' SAH D . -5.19 6.73 8.18
N9 SAH D . -5.99 7.21 7.04
C8 SAH D . -7.02 6.54 6.42
N7 SAH D . -7.48 7.29 5.40
C5 SAH D . -6.77 8.44 5.36
C6 SAH D . -6.83 9.53 4.52
N6 SAH D . -7.72 9.55 3.52
N1 SAH D . -5.94 10.57 4.72
C2 SAH D . -4.98 10.53 5.72
N3 SAH D . -4.95 9.44 6.55
C4 SAH D . -5.82 8.41 6.38
#